data_4BB3
#
_entry.id   4BB3
#
_cell.length_a   46.508
_cell.length_b   71.202
_cell.length_c   100.884
_cell.angle_alpha   90.00
_cell.angle_beta   90.00
_cell.angle_gamma   90.00
#
_symmetry.space_group_name_H-M   'P 21 21 21'
#
loop_
_entity.id
_entity.type
_entity.pdbx_description
1 polymer 'ISOPENICILLIN N SYNTHASE'
2 non-polymer 'FE (III) ION'
3 non-polymer '(2S)-2-azanyl-6-oxidanylidene-6-[[(2S)-1-oxidanyl-1-oxidanylidene-4-sulfanyl-butan-2-yl]amino]hexanoic acid'
4 non-polymer 'SULFATE ION'
5 water water
#
_entity_poly.entity_id   1
_entity_poly.type   'polypeptide(L)'
_entity_poly.pdbx_seq_one_letter_code
;MGSVSKANVPKIDVSPLFGDDQAAKMRVAQQIDAASRDTGFFYAVNHGINVQRLSQKTKEFHMSITPEEKWDLAIRAYNK
EHQDQVRAGYYLSIPGKKAVESFCYLNPNFTPDHPRIQAKTPTHEVNVWPDETKHPGFQDFAEQYYWDVFGLSSALLKGY
ALALGKEENFFARHFKPDDTLASVVLIRYPYLDPYPEAAIKTAADGTKLSFEWHEDVSLITVLYQSNVQNLQVETAAGYQ
DIEADDTGYLINCGSYMAHLTNNYYKAPIHRVKWVNAERQSLPFFVNLGYDSVIDPFDPREPNGKSDREPLSYGDYLQNG
LVSLINKNGQT
;
_entity_poly.pdbx_strand_id   A
#
# COMPACT_ATOMS: atom_id res chain seq x y z
N SER A 3 -9.19 -21.94 17.74
CA SER A 3 -8.28 -21.09 16.97
C SER A 3 -9.01 -20.45 15.80
N VAL A 4 -8.24 -19.87 14.89
CA VAL A 4 -8.77 -18.94 13.93
C VAL A 4 -8.89 -19.65 12.56
N SER A 5 -9.98 -19.42 11.83
CA SER A 5 -10.16 -20.01 10.51
C SER A 5 -9.37 -19.25 9.47
N LYS A 6 -9.10 -19.93 8.38
CA LYS A 6 -8.35 -19.34 7.25
C LYS A 6 -9.30 -18.53 6.37
N ALA A 7 -8.91 -17.30 6.05
CA ALA A 7 -9.69 -16.45 5.17
C ALA A 7 -9.67 -17.00 3.73
N ASN A 8 -10.75 -16.81 2.98
CA ASN A 8 -10.76 -17.08 1.56
C ASN A 8 -10.08 -15.96 0.81
N VAL A 9 -8.88 -16.27 0.35
CA VAL A 9 -8.05 -15.37 -0.40
C VAL A 9 -7.65 -16.13 -1.68
N PRO A 10 -8.35 -15.88 -2.74
CA PRO A 10 -8.11 -16.67 -3.96
C PRO A 10 -6.83 -16.14 -4.65
N LYS A 11 -6.20 -17.02 -5.42
CA LYS A 11 -5.12 -16.66 -6.30
C LYS A 11 -5.68 -16.41 -7.67
N ILE A 12 -5.45 -15.23 -8.20
CA ILE A 12 -5.96 -14.80 -9.49
C ILE A 12 -4.78 -14.56 -10.43
N ASP A 13 -4.77 -15.23 -11.59
CA ASP A 13 -3.79 -15.01 -12.63
C ASP A 13 -4.14 -13.69 -13.31
N VAL A 14 -3.31 -12.66 -13.07
CA VAL A 14 -3.65 -11.31 -13.61
C VAL A 14 -2.93 -11.07 -14.90
N SER A 15 -2.22 -12.04 -15.46
CA SER A 15 -1.44 -11.74 -16.68
C SER A 15 -2.32 -11.26 -17.89
N PRO A 16 -3.59 -11.73 -18.05
CA PRO A 16 -4.38 -11.11 -19.14
C PRO A 16 -4.55 -9.59 -19.06
N LEU A 17 -4.42 -8.99 -17.89
CA LEU A 17 -4.59 -7.55 -17.81
C LEU A 17 -3.46 -6.75 -18.43
N PHE A 18 -2.35 -7.43 -18.77
CA PHE A 18 -1.25 -6.80 -19.47
C PHE A 18 -1.40 -6.86 -20.99
N GLY A 19 -2.34 -7.67 -21.49
CA GLY A 19 -2.44 -7.99 -22.94
C GLY A 19 -3.67 -7.39 -23.60
N ASP A 20 -4.05 -7.97 -24.73
CA ASP A 20 -5.15 -7.40 -25.53
CA ASP A 20 -5.14 -7.38 -25.55
C ASP A 20 -6.28 -8.36 -25.80
N ASP A 21 -6.40 -9.41 -25.01
CA ASP A 21 -7.50 -10.34 -25.13
C ASP A 21 -8.59 -9.85 -24.14
N GLN A 22 -9.55 -9.13 -24.73
CA GLN A 22 -10.57 -8.45 -23.88
C GLN A 22 -11.46 -9.43 -23.11
N ALA A 23 -11.90 -10.52 -23.74
CA ALA A 23 -12.70 -11.52 -23.05
C ALA A 23 -11.97 -12.14 -21.84
N ALA A 24 -10.67 -12.42 -22.05
CA ALA A 24 -9.83 -12.94 -20.97
C ALA A 24 -9.73 -11.93 -19.84
N LYS A 25 -9.64 -10.64 -20.19
CA LYS A 25 -9.60 -9.58 -19.12
C LYS A 25 -10.94 -9.57 -18.35
N MET A 26 -12.07 -9.78 -19.04
CA MET A 26 -13.32 -9.88 -18.33
C MET A 26 -13.41 -11.04 -17.36
N ARG A 27 -12.83 -12.19 -17.74
CA ARG A 27 -12.83 -13.30 -16.80
C ARG A 27 -11.93 -13.04 -15.59
N VAL A 28 -10.82 -12.28 -15.73
CA VAL A 28 -10.07 -11.84 -14.54
C VAL A 28 -10.92 -10.84 -13.72
N ALA A 29 -11.59 -9.90 -14.39
CA ALA A 29 -12.39 -8.89 -13.65
C ALA A 29 -13.48 -9.61 -12.84
N GLN A 30 -14.10 -10.68 -13.35
CA GLN A 30 -15.09 -11.37 -12.50
C GLN A 30 -14.47 -11.90 -11.22
N GLN A 31 -13.26 -12.44 -11.35
CA GLN A 31 -12.59 -12.98 -10.13
C GLN A 31 -12.28 -11.86 -9.16
N ILE A 32 -11.85 -10.68 -9.64
CA ILE A 32 -11.57 -9.52 -8.76
C ILE A 32 -12.89 -9.12 -8.12
N ASP A 33 -14.01 -9.09 -8.91
CA ASP A 33 -15.33 -8.74 -8.31
C ASP A 33 -15.69 -9.69 -7.19
N ALA A 34 -15.53 -10.99 -7.43
CA ALA A 34 -15.92 -11.98 -6.42
C ALA A 34 -15.05 -11.84 -5.16
N ALA A 35 -13.75 -11.66 -5.31
CA ALA A 35 -12.94 -11.52 -4.10
C ALA A 35 -13.22 -10.21 -3.39
N SER A 36 -13.53 -9.12 -4.13
CA SER A 36 -13.79 -7.83 -3.51
C SER A 36 -15.09 -7.84 -2.76
N ARG A 37 -16.07 -8.69 -3.19
CA ARG A 37 -17.37 -8.79 -2.49
C ARG A 37 -17.30 -9.74 -1.34
N ASP A 38 -16.26 -10.56 -1.24
CA ASP A 38 -16.16 -11.60 -0.18
C ASP A 38 -15.21 -11.03 0.92
N THR A 39 -13.98 -11.52 1.03
CA THR A 39 -13.15 -11.08 2.18
C THR A 39 -12.48 -9.73 1.85
N GLY A 40 -12.39 -9.38 0.57
CA GLY A 40 -11.73 -8.17 0.21
C GLY A 40 -10.27 -8.35 -0.08
N PHE A 41 -9.70 -9.55 -0.05
CA PHE A 41 -8.34 -9.78 -0.41
C PHE A 41 -8.22 -10.82 -1.49
N PHE A 42 -7.17 -10.68 -2.29
CA PHE A 42 -6.81 -11.77 -3.24
C PHE A 42 -5.31 -11.70 -3.44
N TYR A 43 -4.75 -12.82 -3.89
CA TYR A 43 -3.34 -12.82 -4.38
C TYR A 43 -3.34 -12.67 -5.88
N ALA A 44 -2.58 -11.70 -6.37
CA ALA A 44 -2.27 -11.56 -7.83
C ALA A 44 -1.06 -12.41 -8.12
N VAL A 45 -1.20 -13.35 -9.04
CA VAL A 45 -0.13 -14.24 -9.46
C VAL A 45 0.10 -14.02 -10.93
N ASN A 46 1.27 -14.47 -11.40
CA ASN A 46 1.75 -14.21 -12.79
CA ASN A 46 1.69 -14.26 -12.80
C ASN A 46 1.75 -12.75 -13.11
N HIS A 47 2.26 -12.00 -12.14
CA HIS A 47 2.33 -10.52 -12.19
C HIS A 47 3.56 -9.99 -12.84
N GLY A 48 4.59 -10.82 -13.08
CA GLY A 48 5.75 -10.33 -13.84
C GLY A 48 6.84 -9.62 -13.05
N ILE A 49 6.67 -9.43 -11.75
CA ILE A 49 7.69 -8.73 -11.01
C ILE A 49 8.65 -9.73 -10.36
N ASN A 50 9.93 -9.37 -10.37
CA ASN A 50 10.95 -10.18 -9.69
C ASN A 50 11.00 -9.88 -8.20
N VAL A 51 10.14 -10.56 -7.45
CA VAL A 51 9.99 -10.28 -5.98
C VAL A 51 11.13 -10.83 -5.12
N GLN A 52 11.76 -11.88 -5.54
CA GLN A 52 12.90 -12.40 -4.83
C GLN A 52 14.04 -11.36 -4.84
N ARG A 53 14.29 -10.73 -6.02
CA ARG A 53 15.30 -9.67 -6.07
C ARG A 53 14.88 -8.47 -5.27
N LEU A 54 13.59 -8.09 -5.36
CA LEU A 54 13.08 -7.03 -4.49
C LEU A 54 13.46 -7.33 -3.03
N SER A 55 13.15 -8.51 -2.57
CA SER A 55 13.37 -8.87 -1.14
CA SER A 55 13.36 -8.84 -1.16
C SER A 55 14.84 -8.89 -0.82
N GLN A 56 15.71 -9.36 -1.75
CA GLN A 56 17.16 -9.37 -1.47
C GLN A 56 17.69 -7.93 -1.38
N LYS A 57 17.27 -7.02 -2.29
CA LYS A 57 17.81 -5.67 -2.27
C LYS A 57 17.31 -4.93 -1.04
N THR A 58 16.06 -5.16 -0.66
CA THR A 58 15.51 -4.53 0.53
C THR A 58 16.22 -5.08 1.80
N LYS A 59 16.55 -6.39 1.84
CA LYS A 59 17.24 -6.96 3.03
C LYS A 59 18.62 -6.36 3.15
N GLU A 60 19.30 -6.17 2.01
CA GLU A 60 20.69 -5.60 2.02
C GLU A 60 20.63 -4.14 2.59
N PHE A 61 19.60 -3.37 2.18
CA PHE A 61 19.40 -2.04 2.78
C PHE A 61 19.14 -2.07 4.27
N HIS A 62 18.09 -2.80 4.69
CA HIS A 62 17.74 -2.79 6.09
C HIS A 62 18.86 -3.30 6.96
N MET A 63 19.65 -4.24 6.47
CA MET A 63 20.65 -4.84 7.36
C MET A 63 21.96 -4.01 7.37
N SER A 64 22.11 -3.04 6.49
CA SER A 64 23.33 -2.28 6.47
C SER A 64 23.16 -0.84 6.88
N ILE A 65 21.94 -0.33 6.87
CA ILE A 65 21.81 1.05 7.34
C ILE A 65 22.16 1.25 8.82
N THR A 66 22.84 2.33 9.15
CA THR A 66 23.40 2.52 10.46
C THR A 66 22.55 3.55 11.22
N PRO A 67 22.64 3.59 12.55
CA PRO A 67 21.93 4.60 13.34
C PRO A 67 22.19 6.02 12.87
N GLU A 68 23.44 6.33 12.46
CA GLU A 68 23.72 7.65 11.95
C GLU A 68 22.87 8.00 10.73
N GLU A 69 22.80 7.05 9.80
CA GLU A 69 22.05 7.32 8.55
C GLU A 69 20.56 7.44 8.84
N LYS A 70 20.05 6.66 9.79
CA LYS A 70 18.63 6.77 10.15
C LYS A 70 18.28 8.15 10.63
N TRP A 71 19.06 8.79 11.51
CA TRP A 71 18.76 10.18 11.87
C TRP A 71 18.84 11.08 10.73
N ASP A 72 19.80 10.84 9.83
CA ASP A 72 20.01 11.79 8.74
C ASP A 72 18.87 11.72 7.69
N LEU A 73 18.15 10.57 7.66
CA LEU A 73 17.03 10.39 6.71
C LEU A 73 15.68 10.52 7.42
N ALA A 74 15.64 10.79 8.74
CA ALA A 74 14.43 10.61 9.49
C ALA A 74 13.31 11.59 9.12
N ILE A 75 12.06 11.12 9.14
CA ILE A 75 10.91 12.06 9.02
C ILE A 75 10.84 12.99 10.25
N ARG A 76 10.03 14.00 10.14
CA ARG A 76 9.95 15.04 11.17
C ARG A 76 9.42 14.54 12.54
N ALA A 77 8.65 13.46 12.59
CA ALA A 77 8.26 12.87 13.87
C ALA A 77 9.46 12.44 14.72
N TYR A 78 10.59 12.16 14.07
CA TYR A 78 11.80 11.73 14.79
C TYR A 78 12.88 12.75 14.77
N ASN A 79 12.87 13.72 13.86
CA ASN A 79 13.98 14.69 13.73
C ASN A 79 13.34 16.03 13.41
N LYS A 80 13.34 16.94 14.40
CA LYS A 80 12.71 18.26 14.20
C LYS A 80 13.44 19.11 13.15
N GLU A 81 14.65 18.72 12.75
CA GLU A 81 15.33 19.52 11.71
C GLU A 81 14.72 19.30 10.33
N HIS A 82 13.92 18.25 10.18
CA HIS A 82 13.43 17.86 8.86
C HIS A 82 11.97 18.16 8.66
N GLN A 83 11.65 19.45 8.74
CA GLN A 83 10.25 19.88 8.73
C GLN A 83 9.52 19.61 7.42
N ASP A 84 10.23 19.49 6.31
CA ASP A 84 9.58 19.11 5.00
C ASP A 84 9.34 17.59 4.81
N GLN A 85 9.80 16.76 5.73
CA GLN A 85 9.65 15.29 5.62
C GLN A 85 8.53 14.83 6.49
N VAL A 86 7.33 14.79 5.97
CA VAL A 86 6.23 14.31 6.70
C VAL A 86 6.02 12.86 6.33
N ARG A 87 6.09 12.49 5.06
CA ARG A 87 5.77 11.17 4.52
C ARG A 87 7.07 10.43 4.20
N ALA A 88 7.97 11.06 3.43
CA ALA A 88 9.14 10.35 2.84
C ALA A 88 10.36 10.38 3.82
N GLY A 89 10.97 9.25 4.00
CA GLY A 89 12.21 9.12 4.82
C GLY A 89 12.14 7.91 5.75
N TYR A 90 13.00 7.98 6.76
CA TYR A 90 13.14 6.87 7.67
C TYR A 90 12.23 7.05 8.91
N TYR A 91 11.59 5.94 9.29
CA TYR A 91 10.71 5.90 10.48
C TYR A 91 11.45 4.95 11.44
N LEU A 92 12.02 5.53 12.48
CA LEU A 92 12.89 4.77 13.38
C LEU A 92 12.12 3.85 14.34
N SER A 93 12.76 2.76 14.73
CA SER A 93 12.27 2.00 15.87
CA SER A 93 12.30 1.99 15.88
C SER A 93 12.62 2.76 17.13
N ILE A 94 11.94 2.43 18.16
CA ILE A 94 12.42 2.90 19.43
C ILE A 94 12.73 1.63 20.30
N PRO A 95 14.01 1.20 20.45
CA PRO A 95 14.28 -0.12 21.06
C PRO A 95 13.76 -0.16 22.49
N GLY A 96 13.21 -1.32 22.90
CA GLY A 96 12.51 -1.43 24.21
C GLY A 96 11.03 -1.02 24.09
N LYS A 97 10.63 -0.37 22.98
CA LYS A 97 9.28 0.24 22.91
C LYS A 97 8.46 0.05 21.63
N LYS A 98 9.10 0.24 20.49
CA LYS A 98 8.32 0.24 19.25
C LYS A 98 9.25 -0.48 18.33
N ALA A 99 8.96 -1.70 17.88
CA ALA A 99 9.97 -2.58 17.29
C ALA A 99 10.16 -2.39 15.79
N VAL A 100 9.12 -2.00 15.10
CA VAL A 100 9.18 -1.92 13.64
CA VAL A 100 9.17 -1.91 13.64
C VAL A 100 9.87 -0.64 13.19
N GLU A 101 10.49 -0.70 12.03
CA GLU A 101 11.14 0.48 11.43
C GLU A 101 10.90 0.40 9.96
N SER A 102 10.94 1.53 9.29
CA SER A 102 10.60 1.54 7.85
C SER A 102 11.24 2.66 7.14
N PHE A 103 11.22 2.57 5.78
CA PHE A 103 11.68 3.67 4.90
C PHE A 103 10.59 3.87 3.83
N CYS A 104 10.14 5.09 3.70
CA CYS A 104 9.01 5.40 2.73
C CYS A 104 9.59 6.31 1.66
N TYR A 105 9.22 6.04 0.44
CA TYR A 105 9.51 6.95 -0.64
C TYR A 105 8.29 7.07 -1.56
N LEU A 106 8.26 8.18 -2.27
CA LEU A 106 7.12 8.67 -3.10
C LEU A 106 7.59 8.65 -4.59
N ASN A 107 6.70 9.19 -5.43
CA ASN A 107 7.00 9.31 -6.88
C ASN A 107 8.39 9.90 -7.12
N PRO A 108 9.24 9.17 -7.84
CA PRO A 108 10.58 9.73 -8.18
C PRO A 108 10.50 10.98 -9.06
N ASN A 109 9.36 11.25 -9.72
CA ASN A 109 9.19 12.48 -10.52
C ASN A 109 8.91 13.68 -9.62
N PHE A 110 8.76 13.52 -8.30
CA PHE A 110 8.62 14.74 -7.44
C PHE A 110 10.00 15.24 -7.16
N THR A 111 10.49 16.01 -8.09
CA THR A 111 11.83 16.59 -8.04
C THR A 111 11.68 18.06 -7.60
N PRO A 112 12.78 18.74 -7.35
CA PRO A 112 12.65 20.12 -6.87
C PRO A 112 11.94 21.03 -7.84
N ASP A 113 12.03 20.76 -9.13
CA ASP A 113 11.40 21.54 -10.17
CA ASP A 113 11.37 21.57 -10.14
C ASP A 113 9.93 21.18 -10.45
N HIS A 114 9.42 20.14 -9.80
CA HIS A 114 8.05 19.73 -10.12
C HIS A 114 7.08 20.81 -9.65
N PRO A 115 6.06 21.14 -10.44
CA PRO A 115 5.15 22.27 -10.03
C PRO A 115 4.50 22.08 -8.67
N ARG A 116 4.20 20.83 -8.27
CA ARG A 116 3.57 20.67 -6.96
C ARG A 116 4.56 20.76 -5.85
N ILE A 117 5.84 20.47 -6.10
CA ILE A 117 6.86 20.69 -5.11
C ILE A 117 7.18 22.17 -4.95
N GLN A 118 7.23 22.88 -6.08
CA GLN A 118 7.44 24.34 -6.07
CA GLN A 118 7.44 24.34 -6.05
C GLN A 118 6.33 24.98 -5.28
N ALA A 119 5.09 24.54 -5.46
CA ALA A 119 3.97 25.17 -4.74
C ALA A 119 3.88 24.73 -3.27
N LYS A 120 4.67 23.75 -2.87
CA LYS A 120 4.61 23.21 -1.50
C LYS A 120 3.22 22.63 -1.24
N THR A 121 2.65 21.93 -2.20
CA THR A 121 1.31 21.34 -2.08
C THR A 121 1.37 20.19 -1.06
N PRO A 122 0.42 20.13 -0.12
CA PRO A 122 0.43 19.06 0.89
C PRO A 122 0.48 17.66 0.22
N THR A 123 1.17 16.75 0.91
CA THR A 123 1.34 15.34 0.53
C THR A 123 2.39 15.12 -0.56
N HIS A 124 2.92 16.21 -1.15
CA HIS A 124 4.06 16.07 -2.14
C HIS A 124 5.37 16.40 -1.45
N GLU A 125 6.36 15.53 -1.58
CA GLU A 125 7.72 15.76 -1.07
C GLU A 125 8.71 15.16 -2.01
N VAL A 126 9.92 15.67 -1.94
CA VAL A 126 11.07 15.12 -2.66
C VAL A 126 11.69 14.01 -1.79
N ASN A 127 11.88 12.84 -2.39
CA ASN A 127 12.49 11.71 -1.69
C ASN A 127 13.87 12.02 -1.21
N VAL A 128 14.16 11.42 -0.03
CA VAL A 128 15.54 11.42 0.54
C VAL A 128 16.12 10.04 0.43
N TRP A 129 17.44 9.97 0.17
CA TRP A 129 18.16 8.68 -0.09
C TRP A 129 19.42 8.64 0.68
N PRO A 130 19.85 7.44 1.11
CA PRO A 130 21.19 7.31 1.74
C PRO A 130 22.31 7.58 0.75
N ASP A 131 23.54 7.66 1.24
CA ASP A 131 24.68 7.90 0.38
CA ASP A 131 24.67 7.92 0.38
C ASP A 131 24.88 6.75 -0.58
N GLU A 132 25.13 7.09 -1.84
CA GLU A 132 25.36 6.07 -2.86
C GLU A 132 26.54 5.17 -2.55
N THR A 133 27.61 5.72 -2.00
CA THR A 133 28.80 4.87 -1.75
C THR A 133 28.55 3.85 -0.60
N LYS A 134 27.62 4.16 0.30
CA LYS A 134 27.30 3.26 1.39
C LYS A 134 26.24 2.24 0.97
N HIS A 135 25.41 2.63 0.01
CA HIS A 135 24.30 1.73 -0.45
C HIS A 135 24.29 1.67 -1.94
N PRO A 136 25.37 1.14 -2.53
CA PRO A 136 25.48 1.20 -4.00
C PRO A 136 24.30 0.54 -4.67
N GLY A 137 23.74 1.21 -5.65
CA GLY A 137 22.62 0.68 -6.47
C GLY A 137 21.27 0.76 -5.80
N PHE A 138 21.18 1.16 -4.53
CA PHE A 138 19.90 1.10 -3.83
C PHE A 138 18.89 2.09 -4.40
N GLN A 139 19.25 3.34 -4.59
CA GLN A 139 18.31 4.33 -5.09
C GLN A 139 17.86 3.89 -6.47
N ASP A 140 18.73 3.45 -7.34
CA ASP A 140 18.29 3.13 -8.69
C ASP A 140 17.36 1.92 -8.63
N PHE A 141 17.71 0.92 -7.83
CA PHE A 141 16.84 -0.22 -7.69
CA PHE A 141 16.85 -0.27 -7.57
C PHE A 141 15.45 0.18 -7.15
N ALA A 142 15.41 1.03 -6.12
CA ALA A 142 14.13 1.38 -5.49
C ALA A 142 13.30 2.21 -6.42
N GLU A 143 13.90 3.13 -7.22
CA GLU A 143 13.09 3.91 -8.20
C GLU A 143 12.60 3.02 -9.30
N GLN A 144 13.40 2.07 -9.77
CA GLN A 144 12.87 1.16 -10.78
C GLN A 144 11.76 0.27 -10.22
N TYR A 145 11.87 -0.12 -8.95
CA TYR A 145 10.82 -0.89 -8.32
C TYR A 145 9.51 -0.08 -8.33
N TYR A 146 9.60 1.20 -7.99
CA TYR A 146 8.39 2.02 -8.05
C TYR A 146 7.72 1.89 -9.38
N TRP A 147 8.48 1.97 -10.47
CA TRP A 147 7.82 1.91 -11.79
C TRP A 147 7.36 0.48 -12.16
N ASP A 148 8.01 -0.56 -11.62
CA ASP A 148 7.57 -1.94 -11.88
C ASP A 148 6.22 -2.12 -11.15
N VAL A 149 6.07 -1.72 -9.88
CA VAL A 149 4.83 -1.91 -9.19
C VAL A 149 3.78 -0.92 -9.64
N PHE A 150 4.17 0.26 -10.13
CA PHE A 150 3.18 1.17 -10.78
C PHE A 150 2.57 0.42 -11.97
N GLY A 151 3.40 -0.25 -12.79
CA GLY A 151 2.88 -0.99 -14.00
C GLY A 151 1.90 -2.09 -13.59
N LEU A 152 2.27 -2.89 -12.53
CA LEU A 152 1.33 -3.89 -12.04
C LEU A 152 0.04 -3.26 -11.57
N SER A 153 0.17 -2.15 -10.83
CA SER A 153 -1.02 -1.50 -10.27
C SER A 153 -1.89 -0.94 -11.35
N SER A 154 -1.33 -0.42 -12.42
CA SER A 154 -2.15 0.05 -13.54
CA SER A 154 -2.18 0.07 -13.47
C SER A 154 -2.93 -1.08 -14.09
N ALA A 155 -2.32 -2.22 -14.32
CA ALA A 155 -3.05 -3.39 -14.85
C ALA A 155 -4.14 -3.82 -13.89
N LEU A 156 -3.89 -3.83 -12.58
CA LEU A 156 -4.94 -4.22 -11.62
C LEU A 156 -6.05 -3.20 -11.65
N LEU A 157 -5.76 -1.90 -11.80
CA LEU A 157 -6.82 -0.91 -11.90
C LEU A 157 -7.69 -1.10 -13.14
N LYS A 158 -7.14 -1.59 -14.24
CA LYS A 158 -7.96 -1.98 -15.37
C LYS A 158 -8.89 -3.09 -14.98
N GLY A 159 -8.42 -4.10 -14.26
CA GLY A 159 -9.28 -5.15 -13.83
C GLY A 159 -10.39 -4.69 -12.86
N TYR A 160 -10.06 -3.79 -11.92
CA TYR A 160 -11.13 -3.26 -11.04
C TYR A 160 -12.20 -2.44 -11.84
N ALA A 161 -11.75 -1.63 -12.80
CA ALA A 161 -12.67 -0.90 -13.62
C ALA A 161 -13.62 -1.84 -14.34
N LEU A 162 -13.08 -2.83 -15.02
CA LEU A 162 -13.95 -3.77 -15.76
C LEU A 162 -14.89 -4.44 -14.80
N ALA A 163 -14.42 -4.83 -13.59
CA ALA A 163 -15.24 -5.53 -12.58
C ALA A 163 -16.45 -4.70 -12.14
N LEU A 164 -16.31 -3.38 -12.21
CA LEU A 164 -17.36 -2.46 -11.76
C LEU A 164 -18.26 -2.05 -12.91
N GLY A 165 -18.07 -2.60 -14.08
CA GLY A 165 -18.92 -2.27 -15.24
C GLY A 165 -18.48 -1.02 -15.96
N LYS A 166 -17.25 -0.59 -15.76
CA LYS A 166 -16.72 0.66 -16.39
C LYS A 166 -15.72 0.30 -17.50
N GLU A 167 -15.33 1.29 -18.29
CA GLU A 167 -14.28 1.07 -19.32
CA GLU A 167 -14.30 1.10 -19.30
C GLU A 167 -12.95 0.89 -18.60
N GLU A 168 -12.01 0.22 -19.28
CA GLU A 168 -10.82 -0.20 -18.55
C GLU A 168 -9.97 0.94 -18.02
N ASN A 169 -10.02 2.16 -18.61
CA ASN A 169 -9.17 3.25 -18.06
CA ASN A 169 -9.18 3.28 -18.09
C ASN A 169 -9.87 4.11 -17.00
N PHE A 170 -10.98 3.62 -16.47
CA PHE A 170 -11.76 4.43 -15.53
C PHE A 170 -10.97 4.96 -14.30
N PHE A 171 -10.18 4.07 -13.70
CA PHE A 171 -9.26 4.49 -12.61
C PHE A 171 -7.89 4.85 -13.20
N ALA A 172 -7.37 4.08 -14.13
CA ALA A 172 -6.01 4.24 -14.66
C ALA A 172 -5.75 5.59 -15.28
N ARG A 173 -6.77 6.25 -15.83
CA ARG A 173 -6.55 7.59 -16.40
CA ARG A 173 -6.54 7.58 -16.39
C ARG A 173 -6.20 8.64 -15.34
N HIS A 174 -6.46 8.33 -14.06
CA HIS A 174 -6.11 9.23 -12.94
C HIS A 174 -4.86 8.85 -12.23
N PHE A 175 -4.23 7.76 -12.68
CA PHE A 175 -3.03 7.17 -12.07
C PHE A 175 -1.88 7.36 -13.03
N LYS A 176 -1.12 8.45 -12.87
CA LYS A 176 -0.20 8.85 -13.92
C LYS A 176 1.19 9.06 -13.38
N PRO A 177 2.23 8.75 -14.17
CA PRO A 177 3.60 8.90 -13.65
C PRO A 177 3.94 10.30 -13.20
N ASP A 178 3.43 11.32 -13.84
CA ASP A 178 3.84 12.65 -13.47
C ASP A 178 3.29 13.11 -12.17
N ASP A 179 2.19 12.54 -11.67
CA ASP A 179 1.57 13.15 -10.51
C ASP A 179 1.04 12.18 -9.43
N THR A 180 1.19 10.87 -9.63
CA THR A 180 0.64 9.97 -8.62
C THR A 180 1.22 10.26 -7.22
N LEU A 181 0.36 10.20 -6.22
CA LEU A 181 0.72 10.34 -4.80
C LEU A 181 1.06 8.96 -4.16
N ALA A 182 1.15 7.90 -4.98
CA ALA A 182 1.47 6.55 -4.48
C ALA A 182 2.79 6.50 -3.73
N SER A 183 2.81 5.62 -2.73
CA SER A 183 4.06 5.42 -1.90
C SER A 183 4.46 3.99 -1.83
N VAL A 184 5.79 3.78 -1.75
CA VAL A 184 6.36 2.51 -1.35
C VAL A 184 6.83 2.60 0.10
N VAL A 185 6.55 1.59 0.90
CA VAL A 185 7.11 1.53 2.25
C VAL A 185 7.90 0.23 2.39
N LEU A 186 9.16 0.32 2.81
CA LEU A 186 9.99 -0.85 3.05
C LEU A 186 10.05 -1.08 4.56
N ILE A 187 9.21 -1.97 5.05
CA ILE A 187 9.05 -2.20 6.50
C ILE A 187 9.84 -3.40 6.96
N ARG A 188 10.61 -3.19 8.04
CA ARG A 188 11.32 -4.27 8.71
C ARG A 188 10.66 -4.56 10.01
N TYR A 189 10.29 -5.84 10.16
CA TYR A 189 9.84 -6.37 11.46
C TYR A 189 11.00 -7.20 11.99
N PRO A 190 11.50 -6.96 13.17
CA PRO A 190 12.69 -7.65 13.68
C PRO A 190 12.38 -8.90 14.46
N TYR A 191 13.36 -9.80 14.56
CA TYR A 191 13.39 -10.82 15.59
C TYR A 191 14.08 -10.16 16.79
N LEU A 192 13.50 -10.26 17.98
CA LEU A 192 14.09 -9.75 19.25
C LEU A 192 13.93 -10.76 20.32
N ASP A 193 15.01 -10.93 21.07
CA ASP A 193 15.00 -11.76 22.24
C ASP A 193 15.72 -11.10 23.40
N PRO A 194 14.98 -10.64 24.42
CA PRO A 194 13.52 -10.75 24.60
C PRO A 194 12.79 -9.70 23.76
N TYR A 195 11.54 -9.97 23.40
CA TYR A 195 10.78 -9.00 22.64
C TYR A 195 10.10 -8.06 23.62
N PRO A 196 10.33 -6.73 23.55
CA PRO A 196 9.66 -5.96 24.58
C PRO A 196 8.12 -5.95 24.49
N GLU A 197 7.53 -6.09 25.66
CA GLU A 197 6.10 -6.20 25.87
C GLU A 197 5.47 -4.84 25.45
N ALA A 198 6.21 -3.75 25.67
CA ALA A 198 5.70 -2.48 25.29
C ALA A 198 5.49 -2.37 23.79
N ALA A 199 6.19 -3.20 23.01
CA ALA A 199 6.12 -3.10 21.58
C ALA A 199 5.07 -4.04 20.98
N ILE A 200 4.31 -4.69 21.88
CA ILE A 200 3.27 -5.65 21.51
C ILE A 200 1.94 -5.10 21.98
N LYS A 201 1.02 -4.94 21.08
CA LYS A 201 -0.31 -4.52 21.41
C LYS A 201 -1.17 -5.72 21.64
N THR A 202 -2.30 -5.53 22.32
CA THR A 202 -3.22 -6.65 22.60
C THR A 202 -4.62 -6.28 22.07
N ALA A 203 -5.20 -7.12 21.19
CA ALA A 203 -6.54 -6.89 20.68
C ALA A 203 -7.60 -7.20 21.74
N ALA A 204 -8.82 -6.74 21.52
CA ALA A 204 -9.87 -7.05 22.45
C ALA A 204 -10.08 -8.54 22.62
N ASP A 205 -9.90 -9.34 21.56
CA ASP A 205 -9.99 -10.80 21.66
C ASP A 205 -8.74 -11.48 22.16
N GLY A 206 -7.72 -10.72 22.59
CA GLY A 206 -6.55 -11.26 23.24
C GLY A 206 -5.39 -11.51 22.27
N THR A 207 -5.64 -11.35 20.98
CA THR A 207 -4.57 -11.55 19.99
C THR A 207 -3.46 -10.54 20.16
N LYS A 208 -2.21 -11.01 20.14
CA LYS A 208 -1.05 -10.13 20.19
C LYS A 208 -0.79 -9.56 18.81
N LEU A 209 -0.63 -8.23 18.78
CA LEU A 209 -0.54 -7.47 17.52
C LEU A 209 0.69 -6.60 17.43
N SER A 210 1.18 -6.45 16.23
CA SER A 210 2.16 -5.36 15.93
C SER A 210 1.41 -4.10 15.48
N PHE A 211 0.28 -4.22 14.78
CA PHE A 211 -0.50 -3.01 14.36
C PHE A 211 -1.97 -3.35 14.48
N GLU A 212 -2.70 -2.40 15.03
CA GLU A 212 -4.12 -2.59 15.29
C GLU A 212 -5.01 -2.49 14.00
N TRP A 213 -6.27 -2.87 14.16
CA TRP A 213 -7.28 -2.84 13.05
C TRP A 213 -7.33 -1.49 12.39
N HIS A 214 -7.47 -1.56 11.08
CA HIS A 214 -7.66 -0.33 10.27
C HIS A 214 -8.16 -0.69 8.90
N GLU A 215 -8.60 0.35 8.21
CA GLU A 215 -8.77 0.33 6.76
C GLU A 215 -7.61 1.04 6.12
N ASP A 216 -7.15 0.60 4.96
CA ASP A 216 -6.03 1.37 4.33
C ASP A 216 -6.45 2.69 3.71
N VAL A 217 -5.52 3.63 3.78
CA VAL A 217 -5.65 4.97 3.10
C VAL A 217 -5.01 4.74 1.75
N SER A 218 -5.86 4.40 0.77
CA SER A 218 -5.40 4.08 -0.56
C SER A 218 -6.63 3.90 -1.43
N LEU A 219 -6.41 3.84 -2.75
CA LEU A 219 -7.45 3.32 -3.69
C LEU A 219 -7.43 1.77 -3.60
N ILE A 220 -6.23 1.20 -3.90
CA ILE A 220 -5.92 -0.21 -3.61
C ILE A 220 -4.54 -0.25 -2.99
N THR A 221 -4.21 -1.36 -2.35
CA THR A 221 -2.89 -1.64 -1.75
C THR A 221 -2.35 -2.92 -2.42
N VAL A 222 -1.06 -2.86 -2.79
CA VAL A 222 -0.45 -3.93 -3.59
C VAL A 222 0.82 -4.32 -2.80
N LEU A 223 0.74 -5.48 -2.11
CA LEU A 223 1.72 -5.77 -1.05
C LEU A 223 2.52 -7.00 -1.36
N TYR A 224 3.83 -6.91 -1.23
CA TYR A 224 4.72 -8.08 -1.16
C TYR A 224 5.21 -8.26 0.30
N GLN A 225 5.13 -9.44 0.85
CA GLN A 225 5.53 -9.79 2.24
CA GLN A 225 5.78 -9.64 2.15
C GLN A 225 6.36 -11.01 2.20
N SER A 226 7.23 -11.17 3.22
CA SER A 226 7.88 -12.47 3.44
C SER A 226 6.88 -13.58 3.66
N ASN A 227 7.37 -14.82 3.56
CA ASN A 227 6.55 -16.01 3.69
C ASN A 227 6.42 -16.44 5.18
N VAL A 228 5.83 -15.56 5.97
CA VAL A 228 5.54 -15.74 7.41
C VAL A 228 4.14 -15.23 7.60
N GLN A 229 3.23 -16.10 8.04
CA GLN A 229 1.81 -15.71 8.24
C GLN A 229 1.67 -14.65 9.34
N ASN A 230 0.87 -13.62 9.07
CA ASN A 230 0.68 -12.58 10.13
C ASN A 230 -0.56 -11.77 9.97
N LEU A 231 -1.08 -11.61 8.77
CA LEU A 231 -2.25 -10.67 8.59
C LEU A 231 -3.56 -11.38 8.92
N GLN A 232 -4.52 -10.54 9.45
CA GLN A 232 -5.89 -11.02 9.64
C GLN A 232 -6.86 -10.03 9.10
N VAL A 233 -7.96 -10.55 8.61
CA VAL A 233 -9.04 -9.75 8.05
C VAL A 233 -10.32 -9.98 8.86
N GLU A 234 -11.05 -8.94 9.23
CA GLU A 234 -12.34 -9.09 9.90
C GLU A 234 -13.39 -9.50 8.83
N THR A 235 -14.08 -10.59 9.10
CA THR A 235 -15.21 -10.96 8.27
C THR A 235 -16.40 -11.16 9.22
N ALA A 236 -17.56 -11.57 8.68
CA ALA A 236 -18.77 -11.80 9.53
C ALA A 236 -18.52 -12.94 10.57
N ALA A 237 -17.64 -13.88 10.24
CA ALA A 237 -17.22 -14.94 11.16
C ALA A 237 -16.04 -14.57 12.09
N GLY A 238 -15.68 -13.29 12.17
CA GLY A 238 -14.68 -12.81 13.12
C GLY A 238 -13.38 -12.58 12.34
N TYR A 239 -12.27 -12.39 13.05
CA TYR A 239 -10.99 -12.25 12.38
C TYR A 239 -10.52 -13.61 11.84
N GLN A 240 -10.03 -13.59 10.59
CA GLN A 240 -9.57 -14.79 9.93
C GLN A 240 -8.15 -14.60 9.43
N ASP A 241 -7.34 -15.66 9.46
CA ASP A 241 -5.93 -15.53 9.06
C ASP A 241 -5.81 -15.49 7.52
N ILE A 242 -5.06 -14.55 7.00
CA ILE A 242 -4.66 -14.55 5.57
C ILE A 242 -3.39 -15.33 5.39
N GLU A 243 -3.44 -16.37 4.57
CA GLU A 243 -2.24 -17.19 4.47
CA GLU A 243 -2.27 -17.24 4.25
C GLU A 243 -1.13 -16.39 3.76
N ALA A 244 0.12 -16.76 4.08
CA ALA A 244 1.30 -16.20 3.37
C ALA A 244 1.47 -16.85 2.00
N ASP A 245 2.16 -16.12 1.14
CA ASP A 245 2.52 -16.47 -0.23
C ASP A 245 3.52 -15.36 -0.67
N ASP A 246 4.73 -15.62 -0.48
CA ASP A 246 5.75 -14.72 -0.96
C ASP A 246 6.20 -15.15 -2.42
N THR A 247 5.31 -15.66 -3.28
CA THR A 247 5.46 -15.40 -4.66
C THR A 247 4.44 -14.37 -5.22
N GLY A 248 3.26 -14.23 -4.65
CA GLY A 248 2.20 -13.37 -5.17
C GLY A 248 2.19 -12.02 -4.47
N TYR A 249 1.42 -11.13 -5.03
CA TYR A 249 1.13 -9.86 -4.39
C TYR A 249 -0.25 -9.89 -3.74
N LEU A 250 -0.36 -9.51 -2.47
CA LEU A 250 -1.67 -9.47 -1.79
C LEU A 250 -2.29 -8.15 -2.08
N ILE A 251 -3.53 -8.18 -2.58
CA ILE A 251 -4.21 -6.95 -3.04
C ILE A 251 -5.44 -6.78 -2.17
N ASN A 252 -5.71 -5.49 -1.81
CA ASN A 252 -7.04 -5.18 -1.19
C ASN A 252 -7.38 -3.74 -1.55
N CYS A 253 -8.64 -3.41 -1.40
CA CYS A 253 -9.13 -2.02 -1.55
C CYS A 253 -8.89 -1.21 -0.32
N GLY A 254 -8.66 0.10 -0.53
CA GLY A 254 -8.59 1.11 0.54
C GLY A 254 -9.89 1.91 0.57
N SER A 255 -9.95 2.81 1.52
CA SER A 255 -11.21 3.50 1.75
C SER A 255 -11.60 4.48 0.65
N TYR A 256 -10.70 4.88 -0.25
CA TYR A 256 -11.21 5.65 -1.39
C TYR A 256 -12.04 4.80 -2.31
N MET A 257 -11.67 3.54 -2.50
CA MET A 257 -12.52 2.64 -3.32
C MET A 257 -13.87 2.46 -2.68
N ALA A 258 -13.91 2.30 -1.38
CA ALA A 258 -15.17 2.10 -0.68
C ALA A 258 -16.03 3.35 -0.85
N HIS A 259 -15.44 4.55 -0.78
CA HIS A 259 -16.22 5.76 -1.02
C HIS A 259 -16.76 5.82 -2.41
N LEU A 260 -15.93 5.55 -3.42
CA LEU A 260 -16.33 5.63 -4.83
CA LEU A 260 -16.42 5.72 -4.77
C LEU A 260 -17.45 4.67 -5.19
N THR A 261 -17.46 3.51 -4.52
CA THR A 261 -18.38 2.41 -4.86
C THR A 261 -19.54 2.29 -3.89
N ASN A 262 -19.62 3.27 -2.99
CA ASN A 262 -20.68 3.26 -1.96
C ASN A 262 -20.66 1.95 -1.17
N ASN A 263 -19.42 1.55 -0.83
CA ASN A 263 -19.17 0.36 0.01
C ASN A 263 -19.53 -0.91 -0.68
N TYR A 264 -19.74 -0.92 -2.02
CA TYR A 264 -19.92 -2.16 -2.73
C TYR A 264 -18.62 -3.00 -2.72
N TYR A 265 -17.50 -2.33 -2.95
CA TYR A 265 -16.17 -2.90 -2.66
C TYR A 265 -15.77 -2.21 -1.38
N LYS A 266 -15.92 -2.93 -0.28
CA LYS A 266 -15.52 -2.40 1.02
C LYS A 266 -13.99 -2.29 1.15
N ALA A 267 -13.49 -1.36 1.97
CA ALA A 267 -12.11 -1.44 2.38
C ALA A 267 -12.07 -2.39 3.56
N PRO A 268 -11.45 -3.57 3.39
CA PRO A 268 -11.56 -4.54 4.51
C PRO A 268 -10.78 -4.12 5.71
N ILE A 269 -11.33 -4.32 6.89
CA ILE A 269 -10.65 -4.05 8.13
C ILE A 269 -9.66 -5.19 8.38
N HIS A 270 -8.40 -4.84 8.63
CA HIS A 270 -7.40 -5.86 8.85
C HIS A 270 -6.44 -5.39 9.90
N ARG A 271 -5.61 -6.32 10.37
CA ARG A 271 -4.64 -6.04 11.45
C ARG A 271 -3.43 -6.94 11.28
N VAL A 272 -2.34 -6.60 11.95
CA VAL A 272 -1.05 -7.35 11.81
C VAL A 272 -0.73 -8.06 13.14
N LYS A 273 -0.79 -9.38 13.13
CA LYS A 273 -0.41 -10.14 14.33
C LYS A 273 1.06 -9.91 14.66
N TRP A 274 1.37 -9.90 15.95
CA TRP A 274 2.76 -9.95 16.44
C TRP A 274 3.35 -11.32 16.12
N VAL A 275 4.46 -11.32 15.43
CA VAL A 275 5.25 -12.55 15.22
C VAL A 275 6.69 -12.19 15.50
N ASN A 276 7.35 -13.04 16.31
CA ASN A 276 8.77 -12.76 16.64
C ASN A 276 9.63 -13.42 15.55
N ALA A 277 9.81 -12.70 14.44
CA ALA A 277 10.49 -13.20 13.25
C ALA A 277 11.06 -12.00 12.51
N GLU A 278 12.23 -12.13 11.98
CA GLU A 278 12.83 -11.18 11.05
C GLU A 278 12.09 -11.24 9.73
N ARG A 279 11.30 -10.27 9.37
CA ARG A 279 10.58 -10.30 8.10
C ARG A 279 10.42 -8.98 7.48
N GLN A 280 9.92 -8.96 6.27
CA GLN A 280 9.69 -7.76 5.46
CA GLN A 280 9.75 -7.73 5.53
C GLN A 280 8.30 -7.61 5.10
N SER A 281 7.84 -6.39 5.00
CA SER A 281 6.50 -6.04 4.47
C SER A 281 6.67 -4.85 3.56
N LEU A 282 6.37 -4.94 2.27
CA LEU A 282 6.69 -3.91 1.25
C LEU A 282 5.37 -3.52 0.57
N PRO A 283 4.52 -2.70 1.19
CA PRO A 283 3.33 -2.23 0.54
C PRO A 283 3.61 -1.14 -0.45
N PHE A 284 2.79 -1.15 -1.53
CA PHE A 284 2.63 0.02 -2.46
C PHE A 284 1.20 0.47 -2.29
N PHE A 285 1.06 1.71 -1.81
CA PHE A 285 -0.30 2.30 -1.64
C PHE A 285 -0.58 3.05 -2.91
N VAL A 286 -1.58 2.55 -3.63
CA VAL A 286 -2.00 3.13 -4.92
C VAL A 286 -2.85 4.34 -4.66
N ASN A 287 -2.27 5.52 -4.87
CA ASN A 287 -2.99 6.80 -4.69
C ASN A 287 -3.07 7.46 -6.03
N LEU A 288 -4.09 8.29 -6.25
CA LEU A 288 -4.23 9.05 -7.52
C LEU A 288 -3.50 10.38 -7.42
N GLY A 289 -3.83 11.34 -8.31
CA GLY A 289 -3.24 12.69 -8.23
C GLY A 289 -3.93 13.59 -7.27
N TYR A 290 -3.31 14.68 -6.91
CA TYR A 290 -3.87 15.58 -5.88
C TYR A 290 -5.29 16.10 -6.21
N ASP A 291 -5.52 16.41 -7.47
CA ASP A 291 -6.77 16.95 -7.96
CA ASP A 291 -6.81 16.95 -7.87
C ASP A 291 -7.71 15.93 -8.55
N SER A 292 -7.33 14.64 -8.55
CA SER A 292 -8.19 13.61 -9.11
C SER A 292 -9.50 13.50 -8.33
N VAL A 293 -10.59 13.60 -9.09
CA VAL A 293 -11.89 13.34 -8.47
C VAL A 293 -12.61 12.38 -9.38
N ILE A 294 -13.11 11.33 -8.74
CA ILE A 294 -14.05 10.49 -9.48
C ILE A 294 -15.43 10.58 -8.89
N ASP A 295 -16.48 10.85 -9.67
CA ASP A 295 -17.78 10.94 -9.04
CA ASP A 295 -17.86 10.93 -9.14
C ASP A 295 -18.26 9.61 -8.46
N PRO A 296 -18.70 9.65 -7.22
CA PRO A 296 -19.13 8.38 -6.59
C PRO A 296 -20.31 7.77 -7.32
N PHE A 297 -20.43 6.45 -7.27
CA PHE A 297 -21.49 5.72 -7.89
C PHE A 297 -21.85 4.52 -7.05
N ASP A 298 -22.86 3.78 -7.46
CA ASP A 298 -23.34 2.61 -6.69
C ASP A 298 -23.72 1.51 -7.68
N PRO A 299 -22.88 0.49 -7.88
CA PRO A 299 -23.14 -0.64 -8.82
C PRO A 299 -24.24 -1.59 -8.38
N ARG A 300 -24.81 -1.36 -7.20
CA ARG A 300 -26.00 -2.11 -6.78
CA ARG A 300 -26.04 -2.07 -6.76
C ARG A 300 -27.30 -1.37 -7.13
N GLU A 301 -27.23 -0.12 -7.58
CA GLU A 301 -28.47 0.62 -7.89
C GLU A 301 -28.70 0.68 -9.38
N PRO A 302 -29.94 0.48 -9.82
CA PRO A 302 -30.19 0.46 -11.24
C PRO A 302 -29.73 1.74 -12.01
N ASN A 303 -29.86 2.92 -11.41
CA ASN A 303 -29.34 4.13 -12.08
C ASN A 303 -27.88 4.48 -11.74
N GLY A 304 -27.24 3.62 -10.93
CA GLY A 304 -25.84 3.78 -10.50
C GLY A 304 -25.58 4.98 -9.62
N LYS A 305 -26.62 5.70 -9.15
CA LYS A 305 -26.42 6.93 -8.36
C LYS A 305 -26.13 6.61 -6.91
N SER A 306 -25.32 7.47 -6.31
CA SER A 306 -24.97 7.37 -4.92
C SER A 306 -25.26 8.69 -4.23
N ASP A 307 -25.54 8.64 -2.92
CA ASP A 307 -25.72 9.87 -2.16
C ASP A 307 -24.49 10.31 -1.42
N ARG A 308 -23.34 9.93 -1.93
CA ARG A 308 -22.03 10.40 -1.45
C ARG A 308 -21.57 11.61 -2.27
N GLU A 309 -20.89 12.54 -1.65
CA GLU A 309 -20.32 13.79 -2.24
CA GLU A 309 -20.38 13.67 -2.41
C GLU A 309 -18.97 13.43 -2.93
N PRO A 310 -18.65 14.03 -4.10
CA PRO A 310 -17.28 13.88 -4.63
C PRO A 310 -16.22 14.38 -3.68
N LEU A 311 -15.11 13.66 -3.67
CA LEU A 311 -14.02 13.97 -2.73
C LEU A 311 -12.75 13.91 -3.53
N SER A 312 -11.99 15.01 -3.58
CA SER A 312 -10.71 14.96 -4.31
C SER A 312 -9.72 14.04 -3.61
N TYR A 313 -8.87 13.43 -4.41
CA TYR A 313 -7.93 12.48 -3.80
C TYR A 313 -6.96 13.13 -2.81
N GLY A 314 -6.53 14.38 -3.09
CA GLY A 314 -5.65 15.08 -2.20
C GLY A 314 -6.29 15.37 -0.86
N ASP A 315 -7.59 15.74 -0.87
CA ASP A 315 -8.31 15.97 0.38
C ASP A 315 -8.46 14.64 1.16
N TYR A 316 -8.83 13.59 0.42
CA TYR A 316 -8.90 12.29 1.06
C TYR A 316 -7.58 11.87 1.72
N LEU A 317 -6.46 12.01 0.97
CA LEU A 317 -5.18 11.50 1.45
C LEU A 317 -4.69 12.32 2.62
N GLN A 318 -4.74 13.68 2.56
CA GLN A 318 -4.20 14.44 3.69
C GLN A 318 -5.02 14.09 4.93
N ASN A 319 -6.34 14.02 4.78
CA ASN A 319 -7.15 13.71 5.99
C ASN A 319 -6.92 12.29 6.49
N GLY A 320 -6.79 11.34 5.58
CA GLY A 320 -6.58 9.96 5.99
C GLY A 320 -5.27 9.65 6.63
N LEU A 321 -4.18 10.27 6.20
CA LEU A 321 -2.90 9.93 6.78
C LEU A 321 -2.86 10.41 8.23
N VAL A 322 -3.36 11.62 8.47
CA VAL A 322 -3.46 12.18 9.82
C VAL A 322 -4.33 11.30 10.70
N SER A 323 -5.47 10.88 10.16
CA SER A 323 -6.41 10.09 10.99
C SER A 323 -5.82 8.77 11.43
N LEU A 324 -5.13 8.11 10.49
CA LEU A 324 -4.53 6.83 10.74
C LEU A 324 -3.47 6.92 11.86
N ILE A 325 -2.61 7.97 11.82
CA ILE A 325 -1.64 8.28 12.92
C ILE A 325 -2.36 8.50 14.25
N ASN A 326 -3.43 9.28 14.23
CA ASN A 326 -4.16 9.52 15.48
C ASN A 326 -4.80 8.24 16.02
N LYS A 327 -5.30 7.36 15.13
CA LYS A 327 -5.98 6.11 15.57
C LYS A 327 -4.99 5.05 16.10
N ASN A 328 -3.97 4.79 15.30
CA ASN A 328 -3.10 3.65 15.61
C ASN A 328 -1.67 4.03 15.96
N GLY A 329 -1.40 5.34 16.01
CA GLY A 329 -0.08 5.83 16.45
C GLY A 329 0.95 6.03 15.34
N GLN A 330 1.99 6.80 15.66
CA GLN A 330 3.08 7.08 14.70
C GLN A 330 3.86 5.79 14.42
N THR A 331 3.95 5.42 13.13
CA THR A 331 4.70 4.21 12.71
C THR A 331 6.17 4.53 12.53
#